data_4JWY
#
_entry.id   4JWY
#
_cell.length_a   59.996
_cell.length_b   113.899
_cell.length_c   95.695
_cell.angle_alpha   90.00
_cell.angle_beta   90.00
_cell.angle_gamma   90.00
#
_symmetry.space_group_name_H-M   'C 2 2 21'
#
loop_
_entity.id
_entity.type
_entity.pdbx_description
1 polymer 'Glutamate receptor ionotropic, NMDA 2D'
2 non-polymer '(2R)-amino(1-hydroxy-4-propyl-1H-pyrazol-5-yl)ethanoic acid'
3 water water
#
_entity_poly.entity_id   1
_entity_poly.type   'polypeptide(L)'
_entity_poly.pdbx_seq_one_letter_code
;SDDTQHLTVATLEERPFVIVEPADPISGTCIRDSVPCRSQLNRTHSPPPDAPRPEKRCCKGFCIDILKRLAHTIGFSYDL
YLVTNGKHGKKIDGVWNGMIGEVFYQRADMAIGSLTINEERSEIVDFSVPFVETGISVMVARGTTVSGLSDRKFQRPQEQ
YPPLKFGTVPNGSTEKNIRSNYPDMHSYMVRYNQPRVEEALTQLKAGKLDAFIYDAAVLNYMARKDEGCKLVTIGSGKVF
ATTGYGIALHKGSRWKRPIDLALLQFLGDDEIEMLERLWLSGICHN
;
_entity_poly.pdbx_strand_id   A
#
loop_
_chem_comp.id
_chem_comp.type
_chem_comp.name
_chem_comp.formula
1N4 non-polymer '(2R)-amino(1-hydroxy-4-propyl-1H-pyrazol-5-yl)ethanoic acid' 'C8 H13 N3 O3'
#
# COMPACT_ATOMS: atom_id res chain seq x y z
N GLN A 5 -19.87 17.42 -8.70
CA GLN A 5 -18.85 17.38 -9.73
C GLN A 5 -18.43 15.95 -10.00
N HIS A 6 -17.55 15.78 -10.98
CA HIS A 6 -17.04 14.47 -11.38
C HIS A 6 -15.51 14.44 -11.24
N LEU A 7 -15.00 13.48 -10.47
CA LEU A 7 -13.57 13.36 -10.22
C LEU A 7 -12.97 12.17 -10.94
N THR A 8 -11.73 12.31 -11.40
CA THR A 8 -10.99 11.16 -11.94
C THR A 8 -10.08 10.61 -10.84
N VAL A 9 -10.20 9.32 -10.56
CA VAL A 9 -9.50 8.72 -9.42
C VAL A 9 -8.55 7.62 -9.86
N ALA A 10 -7.27 7.78 -9.55
CA ALA A 10 -6.28 6.74 -9.81
C ALA A 10 -6.18 5.78 -8.62
N THR A 11 -5.97 4.50 -8.92
CA THR A 11 -5.76 3.53 -7.86
C THR A 11 -4.77 2.45 -8.31
N LEU A 12 -4.57 1.45 -7.47
CA LEU A 12 -3.53 0.45 -7.71
C LEU A 12 -3.89 -0.77 -6.90
N GLU A 13 -3.80 -1.96 -7.49
CA GLU A 13 -4.14 -3.16 -6.73
C GLU A 13 -3.12 -3.45 -5.61
N GLU A 14 -3.64 -3.68 -4.41
CA GLU A 14 -2.86 -4.20 -3.30
C GLU A 14 -3.85 -4.75 -2.30
N ARG A 15 -4.00 -6.07 -2.27
CA ARG A 15 -5.01 -6.68 -1.44
C ARG A 15 -4.60 -6.57 0.02
N PRO A 16 -5.57 -6.33 0.90
CA PRO A 16 -6.99 -6.22 0.61
C PRO A 16 -7.48 -4.78 0.54
N PHE A 17 -6.57 -3.83 0.31
CA PHE A 17 -7.02 -2.43 0.22
C PHE A 17 -7.68 -2.10 -1.11
N VAL A 18 -7.12 -2.66 -2.19
CA VAL A 18 -7.73 -2.59 -3.50
C VAL A 18 -7.56 -3.97 -4.11
N ILE A 19 -8.69 -4.60 -4.45
CA ILE A 19 -8.72 -5.95 -5.03
C ILE A 19 -9.36 -5.86 -6.42
N VAL A 20 -8.70 -6.39 -7.44
CA VAL A 20 -9.19 -6.25 -8.82
C VAL A 20 -9.64 -7.61 -9.35
N GLU A 21 -10.81 -7.63 -9.99
CA GLU A 21 -11.39 -8.86 -10.50
C GLU A 21 -12.06 -8.62 -11.85
N PRO A 22 -12.23 -9.68 -12.66
CA PRO A 22 -12.98 -9.42 -13.89
C PRO A 22 -14.45 -9.18 -13.59
N ALA A 23 -15.18 -8.58 -14.52
CA ALA A 23 -16.61 -8.45 -14.37
C ALA A 23 -17.25 -9.85 -14.42
N ASP A 24 -18.43 -10.00 -13.82
CA ASP A 24 -19.13 -11.29 -13.80
C ASP A 24 -19.39 -11.73 -15.24
N PRO A 25 -18.90 -12.91 -15.62
CA PRO A 25 -19.05 -13.30 -17.03
C PRO A 25 -20.50 -13.53 -17.43
N ILE A 26 -21.36 -13.80 -16.46
CA ILE A 26 -22.79 -14.02 -16.74
C ILE A 26 -23.54 -12.72 -17.06
N SER A 27 -23.43 -11.73 -16.19
CA SER A 27 -24.12 -10.46 -16.41
C SER A 27 -23.28 -9.44 -17.19
N GLY A 28 -21.96 -9.64 -17.21
CA GLY A 28 -21.07 -8.69 -17.86
C GLY A 28 -20.90 -7.38 -17.11
N THR A 29 -21.27 -7.38 -15.83
CA THR A 29 -21.16 -6.19 -15.00
C THR A 29 -20.41 -6.50 -13.70
N CYS A 30 -20.17 -5.44 -12.94
CA CYS A 30 -19.56 -5.58 -11.63
CA CYS A 30 -19.55 -5.59 -11.63
C CYS A 30 -20.65 -5.88 -10.61
N ILE A 31 -20.69 -7.11 -10.13
CA ILE A 31 -21.70 -7.50 -9.14
C ILE A 31 -21.15 -7.39 -7.71
N ARG A 32 -21.99 -7.75 -6.74
CA ARG A 32 -21.66 -7.62 -5.33
C ARG A 32 -21.34 -6.16 -5.00
N ASP A 33 -20.32 -5.94 -4.17
CA ASP A 33 -19.98 -4.58 -3.74
C ASP A 33 -18.85 -3.93 -4.56
N SER A 34 -18.54 -4.47 -5.74
CA SER A 34 -17.42 -3.97 -6.52
CA SER A 34 -17.42 -3.97 -6.52
C SER A 34 -17.83 -2.82 -7.44
N VAL A 35 -16.85 -2.06 -7.91
CA VAL A 35 -17.14 -0.92 -8.80
C VAL A 35 -16.29 -1.03 -10.05
N PRO A 36 -16.79 -0.52 -11.19
CA PRO A 36 -16.01 -0.55 -12.43
C PRO A 36 -14.70 0.20 -12.29
N CYS A 37 -13.62 -0.37 -12.80
CA CYS A 37 -12.37 0.36 -12.87
C CYS A 37 -11.68 -0.05 -14.17
N ARG A 38 -11.10 0.91 -14.88
CA ARG A 38 -10.42 0.59 -16.12
C ARG A 38 -8.92 0.67 -15.92
N SER A 39 -8.14 0.19 -16.89
CA SER A 39 -6.69 0.31 -16.81
C SER A 39 -6.19 1.62 -17.40
N GLN A 40 -5.11 2.17 -16.83
CA GLN A 40 -4.45 3.34 -17.42
C GLN A 40 -4.03 3.06 -18.87
N LEU A 41 -3.60 1.83 -19.15
CA LEU A 41 -3.29 1.45 -20.53
C LEU A 41 -4.49 1.65 -21.46
N ASN A 42 -5.70 1.52 -20.90
CA ASN A 42 -6.94 1.70 -21.67
CA ASN A 42 -6.92 1.71 -21.69
C ASN A 42 -7.79 2.85 -21.16
N GLU A 55 -11.40 -5.65 -22.07
CA GLU A 55 -11.57 -6.50 -20.89
C GLU A 55 -12.14 -5.70 -19.71
N LYS A 56 -13.24 -5.69 -19.21
CA LYS A 56 -13.76 -4.83 -18.16
C LYS A 56 -13.32 -5.33 -16.79
N ARG A 57 -12.84 -4.44 -15.93
CA ARG A 57 -12.44 -4.86 -14.59
C ARG A 57 -13.27 -4.23 -13.49
N CYS A 58 -13.27 -4.88 -12.34
CA CYS A 58 -14.03 -4.43 -11.17
CA CYS A 58 -14.00 -4.39 -11.18
C CYS A 58 -13.10 -4.38 -9.96
N CYS A 59 -13.28 -3.37 -9.12
CA CYS A 59 -12.44 -3.16 -7.94
CA CYS A 59 -12.47 -3.34 -7.91
C CYS A 59 -13.29 -3.17 -6.67
N LYS A 60 -12.72 -3.71 -5.58
CA LYS A 60 -13.37 -3.70 -4.30
C LYS A 60 -12.28 -3.69 -3.22
N GLY A 61 -12.70 -3.63 -1.96
CA GLY A 61 -11.75 -3.68 -0.86
C GLY A 61 -11.90 -2.48 0.06
N PHE A 62 -11.04 -2.41 1.06
CA PHE A 62 -11.10 -1.40 2.11
C PHE A 62 -11.10 0.01 1.52
N CYS A 63 -10.14 0.31 0.64
CA CYS A 63 -10.05 1.66 0.07
C CYS A 63 -11.18 2.01 -0.88
N ILE A 64 -11.69 1.01 -1.59
CA ILE A 64 -12.81 1.19 -2.48
C ILE A 64 -14.07 1.50 -1.65
N ASP A 65 -14.18 0.89 -0.47
CA ASP A 65 -15.31 1.15 0.42
C ASP A 65 -15.25 2.56 0.98
N ILE A 66 -14.05 3.01 1.34
CA ILE A 66 -13.82 4.41 1.68
C ILE A 66 -14.24 5.31 0.53
N LEU A 67 -13.78 5.00 -0.68
CA LEU A 67 -14.09 5.84 -1.83
C LEU A 67 -15.60 5.96 -2.08
N LYS A 68 -16.32 4.83 -1.98
CA LYS A 68 -17.76 4.85 -2.15
C LYS A 68 -18.44 5.75 -1.12
N ARG A 69 -17.96 5.70 0.12
CA ARG A 69 -18.55 6.53 1.17
C ARG A 69 -18.29 8.02 0.95
N LEU A 70 -17.09 8.37 0.49
CA LEU A 70 -16.76 9.77 0.19
C LEU A 70 -17.67 10.31 -0.90
N ALA A 71 -17.82 9.54 -1.97
CA ALA A 71 -18.63 9.98 -3.11
C ALA A 71 -20.07 10.22 -2.67
N HIS A 72 -20.61 9.34 -1.83
CA HIS A 72 -21.97 9.49 -1.34
C HIS A 72 -22.12 10.64 -0.34
N THR A 73 -21.18 10.75 0.60
CA THR A 73 -21.24 11.78 1.64
C THR A 73 -21.06 13.19 1.03
N ILE A 74 -20.02 13.35 0.23
CA ILE A 74 -19.66 14.65 -0.33
C ILE A 74 -20.51 14.94 -1.57
N GLY A 75 -20.86 13.90 -2.31
CA GLY A 75 -21.73 14.05 -3.46
C GLY A 75 -21.01 14.28 -4.77
N PHE A 76 -20.05 13.43 -5.10
CA PHE A 76 -19.41 13.54 -6.40
C PHE A 76 -19.55 12.23 -7.15
N SER A 77 -19.43 12.27 -8.48
CA SER A 77 -19.33 11.03 -9.24
C SER A 77 -17.85 10.85 -9.58
N TYR A 78 -17.47 9.66 -10.02
CA TYR A 78 -16.06 9.42 -10.32
C TYR A 78 -15.89 8.30 -11.35
N ASP A 79 -14.80 8.37 -12.11
CA ASP A 79 -14.30 7.18 -12.79
C ASP A 79 -12.96 6.80 -12.21
N LEU A 80 -12.80 5.50 -12.05
CA LEU A 80 -11.71 4.96 -11.31
C LEU A 80 -10.83 4.22 -12.30
N TYR A 81 -9.53 4.45 -12.25
CA TYR A 81 -8.65 3.67 -13.11
C TYR A 81 -7.45 3.14 -12.36
N LEU A 82 -6.90 2.07 -12.90
CA LEU A 82 -5.72 1.42 -12.33
C LEU A 82 -4.44 1.94 -12.97
N VAL A 83 -3.50 2.38 -12.15
CA VAL A 83 -2.25 2.91 -12.66
C VAL A 83 -1.40 1.78 -13.25
N THR A 84 -0.82 2.04 -14.42
CA THR A 84 0.13 1.09 -15.02
C THR A 84 1.53 1.72 -15.12
N ASN A 85 1.59 3.04 -15.08
CA ASN A 85 2.89 3.73 -15.11
C ASN A 85 3.55 3.73 -13.74
N GLY A 86 4.16 2.60 -13.37
CA GLY A 86 4.74 2.44 -12.06
C GLY A 86 3.67 2.04 -11.07
N LYS A 87 3.91 2.28 -9.78
CA LYS A 87 3.01 1.80 -8.72
C LYS A 87 2.55 2.93 -7.86
N HIS A 88 3.08 3.02 -6.64
CA HIS A 88 2.62 4.01 -5.68
C HIS A 88 3.17 5.40 -6.01
N GLY A 89 4.46 5.47 -6.29
CA GLY A 89 5.08 6.74 -6.59
C GLY A 89 6.58 6.72 -6.34
N LYS A 90 7.33 6.89 -7.41
CA LYS A 90 8.77 7.06 -7.27
C LYS A 90 9.25 8.18 -8.17
N LYS A 91 10.18 8.98 -7.67
CA LYS A 91 10.76 10.05 -8.47
C LYS A 91 12.09 9.59 -9.03
N ILE A 92 12.16 9.48 -10.36
CA ILE A 92 13.40 9.11 -11.04
C ILE A 92 13.85 10.24 -11.97
N ASP A 93 15.04 10.77 -11.72
CA ASP A 93 15.62 11.82 -12.54
CA ASP A 93 15.63 11.83 -12.54
C ASP A 93 14.64 12.95 -12.83
N GLY A 94 14.08 13.53 -11.78
CA GLY A 94 13.16 14.64 -11.89
C GLY A 94 11.71 14.32 -12.28
N VAL A 95 11.40 13.07 -12.62
CA VAL A 95 10.03 12.72 -13.05
C VAL A 95 9.32 11.75 -12.09
N TRP A 96 8.11 12.07 -11.64
CA TRP A 96 7.34 11.14 -10.80
C TRP A 96 6.53 10.14 -11.61
N ASN A 97 6.50 8.88 -11.16
CA ASN A 97 5.55 7.92 -11.72
C ASN A 97 4.51 7.45 -10.69
N GLY A 98 3.76 6.42 -11.04
CA GLY A 98 2.80 5.84 -10.12
C GLY A 98 1.63 6.74 -9.78
N MET A 99 0.91 6.40 -8.71
CA MET A 99 -0.24 7.19 -8.28
C MET A 99 0.13 8.63 -8.00
N ILE A 100 1.29 8.83 -7.41
CA ILE A 100 1.75 10.19 -7.11
C ILE A 100 1.94 11.00 -8.40
N GLY A 101 2.57 10.39 -9.40
CA GLY A 101 2.74 11.04 -10.69
C GLY A 101 1.41 11.43 -11.32
N GLU A 102 0.41 10.55 -11.22
CA GLU A 102 -0.91 10.81 -11.79
C GLU A 102 -1.56 12.05 -11.21
N VAL A 103 -1.44 12.20 -9.90
CA VAL A 103 -2.02 13.36 -9.22
C VAL A 103 -1.16 14.60 -9.48
N PHE A 104 0.14 14.45 -9.29
CA PHE A 104 1.10 15.55 -9.48
C PHE A 104 0.97 16.16 -10.87
N TYR A 105 0.93 15.33 -11.90
CA TYR A 105 0.83 15.86 -13.26
C TYR A 105 -0.62 16.11 -13.69
N GLN A 106 -1.53 16.07 -12.72
CA GLN A 106 -2.94 16.44 -12.92
C GLN A 106 -3.65 15.59 -13.95
N ARG A 107 -3.31 14.31 -13.98
CA ARG A 107 -4.02 13.36 -14.80
C ARG A 107 -5.20 12.82 -14.01
N ALA A 108 -5.13 12.92 -12.68
CA ALA A 108 -6.21 12.46 -11.82
C ALA A 108 -6.43 13.47 -10.74
N ASP A 109 -7.68 13.63 -10.30
CA ASP A 109 -8.00 14.56 -9.20
C ASP A 109 -7.52 14.05 -7.85
N MET A 110 -7.52 12.73 -7.70
CA MET A 110 -7.08 12.14 -6.45
C MET A 110 -6.56 10.74 -6.71
N ALA A 111 -5.77 10.22 -5.77
CA ALA A 111 -5.39 8.82 -5.82
C ALA A 111 -5.67 8.20 -4.45
N ILE A 112 -6.17 6.97 -4.45
CA ILE A 112 -6.50 6.29 -3.20
C ILE A 112 -6.08 4.85 -3.36
N GLY A 113 -5.52 4.30 -2.28
CA GLY A 113 -5.08 2.92 -2.22
C GLY A 113 -4.18 2.87 -1.00
N SER A 114 -3.24 1.95 -1.01
CA SER A 114 -2.31 1.77 0.09
C SER A 114 -1.16 2.75 -0.10
N LEU A 115 -1.50 4.03 -0.13
CA LEU A 115 -0.56 5.07 -0.51
C LEU A 115 -0.03 5.73 0.76
N THR A 116 1.24 5.50 1.05
CA THR A 116 1.84 5.99 2.28
C THR A 116 2.27 7.46 2.22
N ILE A 117 1.91 8.21 3.25
CA ILE A 117 2.33 9.61 3.36
C ILE A 117 3.81 9.67 3.78
N ASN A 118 4.63 10.32 2.96
CA ASN A 118 5.98 10.69 3.40
C ASN A 118 6.32 12.14 3.06
N GLU A 119 7.49 12.58 3.49
CA GLU A 119 7.90 13.98 3.31
C GLU A 119 8.08 14.35 1.84
N GLU A 120 8.82 13.51 1.11
CA GLU A 120 9.05 13.69 -0.32
C GLU A 120 7.75 13.89 -1.11
N ARG A 121 6.74 13.08 -0.81
CA ARG A 121 5.47 13.16 -1.53
C ARG A 121 4.67 14.39 -1.12
N SER A 122 4.57 14.62 0.19
CA SER A 122 3.86 15.76 0.76
C SER A 122 4.36 17.10 0.26
N GLU A 123 5.60 17.14 -0.22
CA GLU A 123 6.17 18.37 -0.75
C GLU A 123 5.49 18.75 -2.07
N ILE A 124 4.93 17.75 -2.78
CA ILE A 124 4.43 18.01 -4.13
C ILE A 124 2.93 17.76 -4.33
N VAL A 125 2.33 16.99 -3.45
CA VAL A 125 0.87 16.79 -3.49
C VAL A 125 0.35 17.02 -2.10
N ASP A 126 -0.93 17.36 -1.98
CA ASP A 126 -1.56 17.41 -0.67
C ASP A 126 -2.05 16.00 -0.34
N PHE A 127 -2.11 15.68 0.94
CA PHE A 127 -2.70 14.42 1.36
C PHE A 127 -3.89 14.74 2.22
N SER A 128 -4.86 13.83 2.24
CA SER A 128 -5.91 13.87 3.22
C SER A 128 -5.29 13.53 4.57
N VAL A 129 -6.08 13.71 5.63
CA VAL A 129 -5.74 13.12 6.92
C VAL A 129 -5.56 11.62 6.72
N PRO A 130 -4.68 11.00 7.52
CA PRO A 130 -4.44 9.57 7.38
C PRO A 130 -5.62 8.78 7.90
N PHE A 131 -5.94 7.68 7.24
CA PHE A 131 -7.11 6.90 7.62
C PHE A 131 -6.76 5.44 7.90
N VAL A 132 -5.51 5.06 7.63
CA VAL A 132 -4.99 3.76 8.06
C VAL A 132 -3.63 3.97 8.66
N GLU A 133 -3.41 3.43 9.85
CA GLU A 133 -2.08 3.51 10.45
C GLU A 133 -1.17 2.47 9.81
N THR A 134 0.02 2.90 9.43
CA THR A 134 0.99 1.99 8.86
C THR A 134 2.40 2.37 9.30
N GLY A 135 3.38 1.81 8.61
CA GLY A 135 4.78 2.00 8.95
C GLY A 135 5.54 0.91 8.25
N ILE A 136 6.64 0.48 8.86
CA ILE A 136 7.46 -0.58 8.30
C ILE A 136 7.61 -1.72 9.30
N SER A 137 7.31 -2.94 8.87
CA SER A 137 7.48 -4.13 9.71
CA SER A 137 7.53 -4.10 9.73
C SER A 137 8.32 -5.16 8.97
N VAL A 138 8.67 -6.24 9.67
CA VAL A 138 9.49 -7.33 9.14
C VAL A 138 8.76 -8.61 9.32
N MET A 139 8.66 -9.39 8.25
CA MET A 139 8.03 -10.69 8.33
C MET A 139 9.08 -11.78 8.29
N VAL A 140 8.96 -12.76 9.18
CA VAL A 140 9.85 -13.92 9.17
C VAL A 140 9.00 -15.16 9.36
N ALA A 141 9.55 -16.32 8.99
CA ALA A 141 8.93 -17.59 9.32
C ALA A 141 8.80 -17.68 10.84
N ARG A 142 7.71 -18.28 11.32
CA ARG A 142 7.46 -18.40 12.75
C ARG A 142 8.64 -19.08 13.45
N GLY A 143 9.34 -19.95 12.75
CA GLY A 143 10.55 -20.60 13.26
C GLY A 143 11.85 -19.79 13.43
N THR A 144 12.33 -19.17 12.34
CA THR A 144 13.51 -18.28 12.35
C THR A 144 13.77 -17.46 13.63
N THR A 145 15.04 -17.47 14.06
CA THR A 145 15.46 -16.70 15.23
C THR A 145 16.20 -15.45 14.81
N VAL A 146 15.57 -14.31 15.03
CA VAL A 146 16.10 -13.02 14.70
C VAL A 146 15.41 -12.06 15.64
N SER A 147 16.10 -11.05 16.14
CA SER A 147 15.47 -10.18 17.13
C SER A 147 14.44 -9.25 16.52
N GLY A 148 14.92 -8.27 15.77
CA GLY A 148 14.06 -7.30 15.12
C GLY A 148 14.89 -6.56 14.10
N LEU A 149 14.51 -5.30 13.82
CA LEU A 149 15.25 -4.49 12.86
C LEU A 149 16.49 -3.79 13.43
N SER A 150 16.75 -4.01 14.71
CA SER A 150 17.98 -3.50 15.30
C SER A 150 19.11 -4.47 14.98
N ASP A 151 18.78 -5.75 14.92
CA ASP A 151 19.74 -6.84 14.77
C ASP A 151 20.86 -6.62 13.80
N ARG A 152 22.03 -7.09 14.17
CA ARG A 152 23.21 -6.98 13.35
C ARG A 152 23.08 -7.76 12.05
N LYS A 153 22.35 -8.86 12.11
CA LYS A 153 22.13 -9.67 10.92
C LYS A 153 21.62 -8.83 9.75
N PHE A 154 20.71 -7.90 10.04
CA PHE A 154 20.16 -6.95 9.08
C PHE A 154 21.13 -5.81 8.81
N GLN A 155 21.64 -5.21 9.89
CA GLN A 155 22.36 -3.94 9.79
C GLN A 155 23.76 -4.11 9.20
N ARG A 156 24.53 -5.02 9.78
CA ARG A 156 25.87 -5.34 9.28
C ARG A 156 25.84 -6.74 8.67
N PRO A 157 25.37 -6.88 7.44
CA PRO A 157 25.14 -8.19 6.84
C PRO A 157 26.24 -8.95 6.08
N GLN A 158 27.22 -8.32 5.48
CA GLN A 158 28.30 -9.06 4.89
C GLN A 158 29.25 -9.51 5.99
N GLU A 159 28.84 -9.32 7.24
CA GLU A 159 29.59 -9.64 8.41
C GLU A 159 29.36 -11.08 8.84
N GLN A 160 28.54 -11.80 8.09
CA GLN A 160 28.28 -13.21 8.36
C GLN A 160 28.59 -14.07 7.13
N TYR A 161 29.05 -15.30 7.35
CA TYR A 161 29.51 -16.16 6.24
C TYR A 161 28.43 -16.50 5.27
N PRO A 162 27.33 -17.20 5.78
CA PRO A 162 26.17 -17.15 4.90
C PRO A 162 25.26 -16.07 5.45
N PRO A 163 25.25 -14.94 4.79
CA PRO A 163 24.55 -13.77 5.29
C PRO A 163 23.03 -13.98 5.38
N LEU A 164 22.35 -13.09 6.12
CA LEU A 164 20.90 -13.18 6.21
C LEU A 164 20.29 -12.72 4.88
N LYS A 165 19.28 -13.44 4.42
CA LYS A 165 18.63 -13.09 3.16
C LYS A 165 17.30 -12.37 3.44
N PHE A 166 17.27 -11.09 3.11
CA PHE A 166 16.12 -10.28 3.41
C PHE A 166 15.98 -9.20 2.34
N GLY A 167 14.74 -8.93 1.96
CA GLY A 167 14.49 -7.97 0.89
C GLY A 167 13.17 -7.26 1.09
N THR A 168 12.85 -6.40 0.15
CA THR A 168 11.59 -5.68 0.20
C THR A 168 11.07 -5.61 -1.22
N VAL A 169 9.97 -4.91 -1.43
CA VAL A 169 9.56 -4.59 -2.79
C VAL A 169 10.06 -3.19 -3.03
N PRO A 170 10.86 -2.99 -4.07
CA PRO A 170 11.50 -1.68 -4.25
C PRO A 170 10.54 -0.62 -4.79
N ASN A 171 11.00 0.63 -4.76
CA ASN A 171 10.32 1.78 -5.37
C ASN A 171 9.21 2.43 -4.55
N GLY A 172 8.96 1.91 -3.34
CA GLY A 172 7.94 2.45 -2.47
C GLY A 172 8.55 3.17 -1.27
N SER A 173 7.70 3.57 -0.35
CA SER A 173 8.18 4.36 0.78
C SER A 173 9.10 3.55 1.69
N THR A 174 8.91 2.23 1.72
CA THR A 174 9.78 1.39 2.55
C THR A 174 11.23 1.46 2.08
N GLU A 175 11.47 1.21 0.80
CA GLU A 175 12.83 1.27 0.27
C GLU A 175 13.44 2.67 0.42
N LYS A 176 12.62 3.69 0.19
CA LYS A 176 13.07 5.07 0.34
C LYS A 176 13.56 5.29 1.76
N ASN A 177 12.79 4.83 2.73
N ASN A 177 12.79 4.81 2.73
CA ASN A 177 13.13 4.94 4.13
CA ASN A 177 13.13 4.94 4.13
C ASN A 177 14.47 4.29 4.47
C ASN A 177 14.46 4.29 4.48
N ILE A 178 14.61 3.04 4.05
CA ILE A 178 15.82 2.27 4.32
C ILE A 178 17.06 2.88 3.68
N ARG A 179 17.00 3.13 2.37
CA ARG A 179 18.11 3.73 1.64
C ARG A 179 18.53 5.07 2.26
N SER A 180 17.57 5.79 2.84
CA SER A 180 17.86 7.09 3.44
C SER A 180 18.40 6.95 4.86
N ASN A 181 17.70 6.17 5.70
CA ASN A 181 18.14 5.99 7.08
C ASN A 181 19.23 4.91 7.31
N TYR A 182 19.32 3.92 6.44
CA TYR A 182 20.31 2.84 6.60
C TYR A 182 21.01 2.43 5.30
N PRO A 183 21.75 3.36 4.68
CA PRO A 183 22.32 3.18 3.33
C PRO A 183 23.15 1.92 3.15
N ASP A 184 23.83 1.45 4.20
CA ASP A 184 24.70 0.29 4.08
C ASP A 184 23.85 -0.97 3.89
N MET A 185 22.88 -1.14 4.77
CA MET A 185 21.90 -2.24 4.71
C MET A 185 21.15 -2.25 3.36
N HIS A 186 20.85 -1.07 2.82
CA HIS A 186 20.11 -1.01 1.56
C HIS A 186 20.88 -1.60 0.39
N SER A 187 22.17 -1.27 0.26
CA SER A 187 22.93 -1.78 -0.88
C SER A 187 23.03 -3.30 -0.82
N TYR A 188 22.94 -3.86 0.38
CA TYR A 188 22.88 -5.31 0.52
C TYR A 188 21.53 -5.91 0.11
N MET A 189 20.43 -5.29 0.56
CA MET A 189 19.06 -5.81 0.34
C MET A 189 18.68 -5.91 -1.11
N VAL A 190 19.20 -5.00 -1.90
CA VAL A 190 18.90 -4.86 -3.32
C VAL A 190 18.95 -6.18 -4.10
N ARG A 191 19.90 -7.05 -3.75
CA ARG A 191 19.96 -8.43 -4.27
C ARG A 191 18.71 -9.22 -4.04
N TYR A 192 17.98 -8.86 -2.99
CA TYR A 192 16.80 -9.64 -2.61
C TYR A 192 15.48 -8.90 -2.88
N ASN A 193 15.52 -7.86 -3.70
CA ASN A 193 14.28 -7.21 -4.19
C ASN A 193 13.24 -8.22 -4.71
N GLN A 194 11.98 -8.00 -4.39
CA GLN A 194 10.89 -8.86 -4.86
C GLN A 194 9.90 -8.02 -5.68
N PRO A 195 9.22 -8.64 -6.66
CA PRO A 195 8.32 -7.84 -7.52
C PRO A 195 6.98 -7.50 -6.89
N ARG A 196 6.51 -8.38 -6.02
CA ARG A 196 5.19 -8.28 -5.41
C ARG A 196 5.23 -9.00 -4.09
N VAL A 197 4.28 -8.69 -3.21
CA VAL A 197 4.16 -9.37 -1.93
C VAL A 197 3.99 -10.86 -2.13
N GLU A 198 3.20 -11.22 -3.13
CA GLU A 198 2.92 -12.62 -3.43
C GLU A 198 4.24 -13.39 -3.61
N GLU A 199 5.13 -12.91 -4.48
CA GLU A 199 6.44 -13.56 -4.70
C GLU A 199 7.33 -13.56 -3.45
N ALA A 200 7.27 -12.49 -2.67
CA ALA A 200 8.09 -12.41 -1.47
C ALA A 200 7.70 -13.49 -0.47
N LEU A 201 6.40 -13.67 -0.26
CA LEU A 201 5.93 -14.70 0.68
C LEU A 201 6.27 -16.11 0.22
N THR A 202 6.16 -16.34 -1.09
CA THR A 202 6.55 -17.61 -1.68
C THR A 202 8.02 -17.91 -1.42
N GLN A 203 8.86 -16.91 -1.63
CA GLN A 203 10.29 -17.06 -1.41
C GLN A 203 10.60 -17.22 0.06
N LEU A 204 9.83 -16.52 0.90
CA LEU A 204 10.01 -16.61 2.34
C LEU A 204 9.61 -17.99 2.87
N LYS A 205 8.51 -18.53 2.34
CA LYS A 205 8.03 -19.85 2.73
C LYS A 205 8.91 -20.99 2.23
N ALA A 206 9.88 -20.65 1.36
CA ALA A 206 10.71 -21.66 0.71
C ALA A 206 12.18 -21.56 1.14
N GLY A 207 12.47 -20.63 2.04
CA GLY A 207 13.84 -20.48 2.53
C GLY A 207 14.71 -19.56 1.70
N LYS A 208 14.24 -19.19 0.51
CA LYS A 208 15.02 -18.33 -0.38
C LYS A 208 15.15 -16.91 0.20
N LEU A 209 14.18 -16.53 1.05
CA LEU A 209 14.32 -15.36 1.90
C LEU A 209 14.23 -15.76 3.38
N ASP A 210 15.01 -15.10 4.23
CA ASP A 210 14.85 -15.31 5.67
C ASP A 210 13.90 -14.27 6.25
N ALA A 211 13.89 -13.07 5.67
CA ALA A 211 13.00 -12.02 6.16
C ALA A 211 12.46 -11.14 5.01
N PHE A 212 11.32 -10.50 5.25
CA PHE A 212 10.70 -9.63 4.26
C PHE A 212 10.28 -8.35 4.96
N ILE A 213 10.83 -7.23 4.50
CA ILE A 213 10.56 -5.94 5.13
C ILE A 213 9.58 -5.17 4.23
N TYR A 214 8.49 -4.70 4.82
CA TYR A 214 7.40 -4.16 3.98
C TYR A 214 6.47 -3.27 4.78
N ASP A 215 5.59 -2.60 4.04
CA ASP A 215 4.51 -1.81 4.63
C ASP A 215 3.81 -2.58 5.74
N ALA A 216 3.68 -1.96 6.91
CA ALA A 216 3.16 -2.64 8.09
C ALA A 216 1.69 -3.06 7.97
N ALA A 217 0.84 -2.17 7.50
CA ALA A 217 -0.58 -2.50 7.39
C ALA A 217 -0.80 -3.72 6.50
N VAL A 218 -0.12 -3.77 5.36
CA VAL A 218 -0.22 -4.95 4.50
C VAL A 218 0.43 -6.20 5.11
N LEU A 219 1.61 -6.07 5.68
CA LEU A 219 2.35 -7.23 6.21
C LEU A 219 1.62 -7.82 7.39
N ASN A 220 1.15 -6.97 8.28
CA ASN A 220 0.37 -7.44 9.43
C ASN A 220 -0.89 -8.19 9.01
N TYR A 221 -1.57 -7.70 7.98
CA TYR A 221 -2.69 -8.45 7.41
C TYR A 221 -2.27 -9.81 6.85
N MET A 222 -1.18 -9.86 6.10
CA MET A 222 -0.71 -11.12 5.51
C MET A 222 -0.44 -12.19 6.59
N ALA A 223 0.16 -11.77 7.70
CA ALA A 223 0.41 -12.65 8.84
C ALA A 223 -0.89 -13.15 9.43
N ARG A 224 -1.86 -12.25 9.60
CA ARG A 224 -3.16 -12.60 10.19
C ARG A 224 -3.93 -13.66 9.40
N LYS A 225 -3.66 -13.76 8.10
CA LYS A 225 -4.39 -14.74 7.30
C LYS A 225 -3.50 -15.78 6.63
N ASP A 226 -2.25 -15.87 7.09
CA ASP A 226 -1.32 -16.86 6.54
C ASP A 226 -1.80 -18.29 6.78
N GLU A 227 -1.95 -19.06 5.71
CA GLU A 227 -2.43 -20.45 5.81
C GLU A 227 -1.53 -21.31 6.70
N GLY A 228 -2.05 -21.66 7.88
CA GLY A 228 -1.26 -22.40 8.86
C GLY A 228 -0.63 -21.53 9.93
N CYS A 229 -0.74 -20.21 9.77
CA CYS A 229 -0.17 -19.25 10.72
C CYS A 229 1.32 -19.47 10.94
N LYS A 230 2.03 -19.69 9.84
CA LYS A 230 3.45 -20.01 9.89
C LYS A 230 4.33 -18.77 9.72
N LEU A 231 3.70 -17.65 9.35
CA LEU A 231 4.43 -16.41 9.14
C LEU A 231 4.06 -15.37 10.18
N VAL A 232 5.05 -14.71 10.77
CA VAL A 232 4.76 -13.65 11.73
C VAL A 232 5.55 -12.40 11.45
N THR A 233 5.04 -11.27 11.93
CA THR A 233 5.75 -10.01 11.80
C THR A 233 6.33 -9.56 13.13
N ILE A 234 7.44 -8.84 13.04
CA ILE A 234 7.97 -8.11 14.19
C ILE A 234 7.88 -6.62 13.86
N GLY A 235 7.53 -5.80 14.85
CA GLY A 235 7.43 -4.36 14.64
C GLY A 235 8.80 -3.67 14.59
N SER A 236 8.88 -2.54 13.91
CA SER A 236 10.15 -1.83 13.77
C SER A 236 10.66 -1.26 15.10
N GLY A 237 9.75 -1.03 16.04
CA GLY A 237 10.11 -0.59 17.38
C GLY A 237 10.49 0.87 17.49
N LYS A 238 11.72 1.18 17.08
CA LYS A 238 12.24 2.53 17.11
C LYS A 238 13.05 2.72 15.84
N VAL A 239 13.31 1.61 15.16
CA VAL A 239 14.10 1.60 13.93
C VAL A 239 13.44 2.43 12.84
N PHE A 240 12.11 2.51 12.87
CA PHE A 240 11.35 3.20 11.82
C PHE A 240 10.13 3.96 12.35
N ALA A 241 9.80 5.07 11.69
CA ALA A 241 8.69 5.90 12.10
C ALA A 241 7.33 5.33 11.69
N THR A 242 6.34 5.57 12.53
CA THR A 242 4.95 5.25 12.22
C THR A 242 4.38 6.29 11.27
N THR A 243 3.59 5.84 10.30
CA THR A 243 3.01 6.75 9.35
C THR A 243 1.58 6.31 9.03
N GLY A 244 1.01 6.78 7.92
CA GLY A 244 -0.34 6.41 7.57
C GLY A 244 -0.59 6.44 6.07
N TYR A 245 -1.68 5.80 5.63
CA TYR A 245 -2.13 5.96 4.25
C TYR A 245 -2.97 7.24 4.17
N GLY A 246 -2.78 8.00 3.11
CA GLY A 246 -3.63 9.14 2.84
C GLY A 246 -4.05 9.20 1.38
N ILE A 247 -5.12 9.94 1.12
CA ILE A 247 -5.54 10.15 -0.24
C ILE A 247 -4.73 11.29 -0.83
N ALA A 248 -4.10 11.06 -1.99
CA ALA A 248 -3.31 12.14 -2.61
C ALA A 248 -4.21 13.03 -3.46
N LEU A 249 -3.98 14.34 -3.38
CA LEU A 249 -4.77 15.35 -4.09
C LEU A 249 -3.86 16.42 -4.67
N HIS A 250 -4.33 17.18 -5.66
CA HIS A 250 -3.46 18.22 -6.21
CA HIS A 250 -3.54 18.27 -6.25
C HIS A 250 -3.05 19.17 -5.10
N LYS A 251 -1.82 19.67 -5.19
CA LYS A 251 -1.34 20.65 -4.22
C LYS A 251 -2.33 21.82 -4.24
N GLY A 252 -2.89 22.16 -3.08
CA GLY A 252 -3.86 23.22 -2.98
C GLY A 252 -5.29 22.84 -3.33
N SER A 253 -5.56 21.55 -3.42
CA SER A 253 -6.87 21.06 -3.88
C SER A 253 -8.04 21.52 -3.03
N ARG A 254 -9.12 21.93 -3.70
CA ARG A 254 -10.32 22.30 -2.97
C ARG A 254 -10.96 21.08 -2.35
N TRP A 255 -10.56 19.89 -2.80
CA TRP A 255 -11.18 18.66 -2.31
C TRP A 255 -10.64 18.17 -0.97
N LYS A 256 -9.51 18.71 -0.52
CA LYS A 256 -8.89 18.21 0.71
C LYS A 256 -9.77 18.42 1.96
N ARG A 257 -10.28 19.63 2.15
CA ARG A 257 -11.12 19.89 3.32
C ARG A 257 -12.38 19.01 3.40
N PRO A 258 -13.18 18.94 2.32
CA PRO A 258 -14.35 18.07 2.43
C PRO A 258 -14.01 16.58 2.56
N ILE A 259 -12.96 16.13 1.89
CA ILE A 259 -12.53 14.75 2.08
C ILE A 259 -12.09 14.51 3.54
N ASP A 260 -11.31 15.44 4.09
CA ASP A 260 -10.89 15.36 5.49
C ASP A 260 -12.04 15.31 6.47
N LEU A 261 -13.01 16.20 6.29
CA LEU A 261 -14.16 16.24 7.20
C LEU A 261 -14.92 14.93 7.17
N ALA A 262 -15.11 14.39 5.97
CA ALA A 262 -15.80 13.10 5.81
C ALA A 262 -15.02 11.99 6.50
N LEU A 263 -13.71 11.95 6.26
CA LEU A 263 -12.87 10.91 6.84
C LEU A 263 -12.88 11.02 8.37
N LEU A 264 -12.84 12.25 8.88
CA LEU A 264 -12.86 12.44 10.32
C LEU A 264 -14.18 11.98 10.87
N GLN A 265 -15.25 12.28 10.13
CA GLN A 265 -16.58 11.81 10.48
C GLN A 265 -16.70 10.28 10.46
N PHE A 266 -16.12 9.62 9.45
CA PHE A 266 -16.14 8.15 9.41
C PHE A 266 -15.37 7.61 10.62
N LEU A 267 -14.22 8.22 10.89
CA LEU A 267 -13.32 7.81 11.98
C LEU A 267 -13.93 7.90 13.39
N GLY A 268 -14.98 8.70 13.56
CA GLY A 268 -15.61 8.88 14.85
C GLY A 268 -17.00 8.29 14.87
N ASP A 269 -17.49 7.91 13.70
CA ASP A 269 -18.79 7.28 13.58
C ASP A 269 -18.62 5.77 13.72
N ASP A 270 -17.36 5.33 13.84
CA ASP A 270 -16.96 3.93 13.88
C ASP A 270 -17.07 3.20 12.53
N GLU A 271 -17.14 3.98 11.46
CA GLU A 271 -17.31 3.39 10.12
C GLU A 271 -15.98 2.82 9.62
N ILE A 272 -14.87 3.48 9.94
CA ILE A 272 -13.57 2.97 9.54
C ILE A 272 -13.25 1.69 10.30
N GLU A 273 -13.53 1.69 11.61
CA GLU A 273 -13.34 0.51 12.44
C GLU A 273 -14.13 -0.68 11.91
N MET A 274 -15.37 -0.42 11.51
CA MET A 274 -16.19 -1.43 10.88
C MET A 274 -15.50 -1.99 9.63
N LEU A 275 -15.00 -1.10 8.78
CA LEU A 275 -14.32 -1.51 7.56
C LEU A 275 -13.04 -2.29 7.87
N GLU A 276 -12.35 -1.91 8.94
CA GLU A 276 -11.18 -2.68 9.38
C GLU A 276 -11.59 -4.10 9.68
N ARG A 277 -12.68 -4.25 10.43
CA ARG A 277 -13.19 -5.56 10.79
C ARG A 277 -13.57 -6.33 9.53
N LEU A 278 -14.28 -5.65 8.64
CA LEU A 278 -14.74 -6.26 7.40
C LEU A 278 -13.60 -6.77 6.52
N TRP A 279 -12.57 -5.95 6.32
CA TRP A 279 -11.56 -6.25 5.32
C TRP A 279 -10.23 -6.80 5.84
N LEU A 280 -9.84 -6.40 7.04
CA LEU A 280 -8.46 -6.57 7.46
C LEU A 280 -8.27 -7.62 8.54
N SER A 281 -9.35 -8.27 8.94
CA SER A 281 -9.27 -9.28 10.00
C SER A 281 -8.81 -10.64 9.46
N GLY A 282 -8.26 -11.47 10.35
CA GLY A 282 -7.79 -12.80 9.97
C GLY A 282 -7.87 -13.72 11.18
N ILE A 283 -7.52 -14.99 11.00
CA ILE A 283 -7.64 -15.95 12.10
C ILE A 283 -6.36 -16.10 12.94
N CYS A 284 -5.20 -15.80 12.36
CA CYS A 284 -3.94 -15.94 13.08
C CYS A 284 -3.70 -14.76 14.03
N HIS A 285 -3.15 -15.04 15.20
CA HIS A 285 -2.81 -13.97 16.14
C HIS A 285 -1.56 -14.31 16.95
CAA 1N4 B . 5.64 -1.07 -4.64
CAG 1N4 B . 5.96 -0.58 -3.27
CAH 1N4 B . 4.98 -0.79 -2.17
CAK 1N4 B . 5.37 -0.17 -0.88
CAF 1N4 B . 6.48 -0.53 -0.06
NAI 1N4 B . 6.45 0.29 0.99
NAN 1N4 B . 5.46 1.14 0.90
OAE 1N4 B . 5.18 2.07 1.77
CAL 1N4 B . 4.76 0.92 -0.20
CA 1N4 B . 3.55 1.70 -0.62
C 1N4 B . 3.92 3.12 -0.90
OXT 1N4 B . 5.01 3.38 -1.51
O 1N4 B . 3.16 4.05 -0.56
N 1N4 B . 2.59 1.68 0.46
#